data_6VWA
#
_entry.id   6VWA
#
_cell.length_a   75.647
_cell.length_b   75.647
_cell.length_c   146.865
_cell.angle_alpha   90.000
_cell.angle_beta   90.000
_cell.angle_gamma   120.000
#
_symmetry.space_group_name_H-M   'P 32 1 2'
#
loop_
_entity.id
_entity.type
_entity.pdbx_description
1 polymer K+/Cl-Cotransporter
2 non-polymer 'TRIETHYLENE GLYCOL'
3 non-polymer DI(HYDROXYETHYL)ETHER
4 non-polymer 'TETRAETHYLENE GLYCOL'
5 water water
#
_entity_poly.entity_id   1
_entity_poly.type   'polypeptide(L)'
_entity_poly.pdbx_seq_one_letter_code
;SGSNWRPQLLLLLSMQWSKEIIDVRYLNLLNLASQLKAGKGLTVVTAFLQGDPTSPDDKKKGEQVKARMDFDMNQVRLRG
FAKTLVHSEDQVRGSMSTLVQSVGLGGLKPNTMLISWPVHEREEDMTEYNTFIEKVHAASINDMAIVVAKGIIDFPSAVF
RMSGMIDVYWIVHDGGLCLLMGYLLKQHKVWRGCKLRVIGIAQESDNNVKMQEDLQKYVYQLRIDAKIMIVELADPEISK
NAFERTLLMEERTMMMRDLQKVSGGGMSLSLPPANAPRAPSPLVTSERRANSKDSDEGTPTESEETTEKKSTSTDNEQAN
QETKTKKERMKALDRSKVSKMHTAVRLNELLLQHSANSQLILLNLPKPPVHKDQQALDDYVHYLEVMTDKLNRVIFVRGT
GKEVITESS
;
_entity_poly.pdbx_strand_id   A
#
loop_
_chem_comp.id
_chem_comp.type
_chem_comp.name
_chem_comp.formula
PEG non-polymer DI(HYDROXYETHYL)ETHER 'C4 H10 O3'
PG4 non-polymer 'TETRAETHYLENE GLYCOL' 'C8 H18 O5'
PGE non-polymer 'TRIETHYLENE GLYCOL' 'C6 H14 O4'
#
# COMPACT_ATOMS: atom_id res chain seq x y z
N ASN A 4 7.11 20.67 -0.80
CA ASN A 4 7.48 20.64 0.62
C ASN A 4 6.36 20.03 1.50
N TRP A 5 5.35 19.45 0.85
CA TRP A 5 4.32 18.68 1.55
C TRP A 5 4.95 17.45 2.19
N ARG A 6 4.50 17.11 3.41
CA ARG A 6 4.95 15.93 4.13
C ARG A 6 3.75 15.21 4.74
N PRO A 7 3.82 13.88 4.85
CA PRO A 7 2.65 13.14 5.34
C PRO A 7 2.46 13.30 6.84
N GLN A 8 1.22 13.53 7.22
CA GLN A 8 0.80 13.52 8.62
C GLN A 8 -0.05 12.28 8.80
N LEU A 9 0.44 11.33 9.57
CA LEU A 9 -0.03 9.96 9.48
C LEU A 9 -1.23 9.67 10.39
N LEU A 10 -2.09 8.78 9.91
CA LEU A 10 -3.14 8.19 10.71
C LEU A 10 -3.07 6.68 10.47
N LEU A 11 -2.62 5.92 11.48
CA LEU A 11 -2.51 4.47 11.38
C LEU A 11 -3.80 3.83 11.84
N LEU A 12 -4.27 2.83 11.09
CA LEU A 12 -5.43 2.04 11.48
C LEU A 12 -4.98 0.60 11.70
N LEU A 13 -5.40 0.02 12.82
CA LEU A 13 -5.05 -1.35 13.17
C LEU A 13 -6.28 -2.05 13.72
N SER A 14 -6.35 -3.36 13.54
CA SER A 14 -7.33 -4.18 14.22
C SER A 14 -6.62 -5.03 15.27
N MET A 15 -7.20 -5.12 16.45
CA MET A 15 -6.60 -5.79 17.60
C MET A 15 -7.31 -7.10 17.91
N GLN A 16 -6.62 -7.95 18.67
CA GLN A 16 -7.12 -9.28 19.02
C GLN A 16 -7.24 -9.46 20.54
N ASP A 23 0.57 -9.79 16.04
CA ASP A 23 1.38 -8.81 16.76
C ASP A 23 2.47 -8.26 15.85
N VAL A 24 2.87 -9.06 14.86
CA VAL A 24 4.04 -8.72 14.05
C VAL A 24 3.76 -7.52 13.15
N ARG A 25 2.66 -7.56 12.40
CA ARG A 25 2.31 -6.46 11.53
C ARG A 25 2.18 -5.15 12.29
N TYR A 26 1.77 -5.22 13.57
CA TYR A 26 1.60 -4.01 14.37
C TYR A 26 2.94 -3.28 14.57
N LEU A 27 3.93 -3.98 15.12
CA LEU A 27 5.25 -3.36 15.32
C LEU A 27 5.94 -2.99 14.01
N ASN A 28 5.77 -3.80 12.96
CA ASN A 28 6.29 -3.43 11.64
C ASN A 28 5.73 -2.08 11.19
N LEU A 29 4.43 -1.89 11.36
CA LEU A 29 3.79 -0.64 10.95
C LEU A 29 4.31 0.54 11.76
N LEU A 30 4.50 0.35 13.06
CA LEU A 30 5.07 1.42 13.89
C LEU A 30 6.48 1.79 13.41
N ASN A 31 7.28 0.79 13.01
CA ASN A 31 8.64 1.05 12.57
C ASN A 31 8.68 1.84 11.27
N LEU A 32 7.83 1.45 10.32
CA LEU A 32 7.77 2.21 9.07
C LEU A 32 7.30 3.64 9.34
N ALA A 33 6.23 3.80 10.11
CA ALA A 33 5.73 5.12 10.45
C ALA A 33 6.82 5.99 11.05
N SER A 34 7.59 5.41 11.98
CA SER A 34 8.64 6.18 12.64
C SER A 34 9.74 6.58 11.65
N GLN A 35 10.02 5.73 10.68
CA GLN A 35 11.07 6.02 9.73
C GLN A 35 10.64 7.05 8.70
N LEU A 36 9.36 7.04 8.33
CA LEU A 36 8.83 8.10 7.48
C LEU A 36 8.91 9.45 8.17
N LYS A 37 8.63 9.49 9.48
CA LYS A 37 8.50 10.77 10.19
C LYS A 37 9.81 11.27 10.82
N ALA A 38 10.75 10.36 11.15
CA ALA A 38 12.05 10.72 11.72
C ALA A 38 11.93 11.74 12.86
N GLY A 39 11.03 11.46 13.81
CA GLY A 39 10.85 12.29 14.98
C GLY A 39 10.01 13.54 14.79
N LYS A 40 9.69 13.91 13.57
CA LYS A 40 8.92 15.13 13.33
C LYS A 40 7.43 14.81 13.29
N GLY A 41 6.63 15.86 13.21
CA GLY A 41 5.22 15.70 13.00
C GLY A 41 4.50 15.13 14.21
N LEU A 42 3.24 14.79 13.97
CA LEU A 42 2.36 14.26 15.00
C LEU A 42 1.57 13.13 14.35
N THR A 43 1.64 11.94 14.93
CA THR A 43 1.02 10.77 14.35
C THR A 43 -0.09 10.28 15.27
N VAL A 44 -1.23 9.92 14.67
CA VAL A 44 -2.35 9.33 15.39
C VAL A 44 -2.37 7.85 15.07
N VAL A 45 -2.32 7.02 16.11
CA VAL A 45 -2.44 5.57 15.97
C VAL A 45 -3.77 5.15 16.55
N THR A 46 -4.65 4.58 15.74
CA THR A 46 -5.93 4.12 16.24
C THR A 46 -6.01 2.62 16.07
N ALA A 47 -6.38 1.93 17.14
CA ALA A 47 -6.62 0.50 17.14
C ALA A 47 -8.11 0.24 17.25
N PHE A 48 -8.62 -0.68 16.45
CA PHE A 48 -9.99 -1.11 16.51
C PHE A 48 -10.05 -2.41 17.29
N LEU A 49 -10.78 -2.39 18.40
CA LEU A 49 -10.95 -3.56 19.26
C LEU A 49 -12.41 -3.98 19.17
N GLN A 50 -12.64 -5.24 18.82
CA GLN A 50 -14.00 -5.73 18.70
C GLN A 50 -14.58 -6.03 20.07
N GLY A 51 -15.78 -5.52 20.33
CA GLY A 51 -16.44 -5.78 21.60
C GLY A 51 -17.79 -5.10 21.74
N ASP A 52 -18.13 -4.68 22.95
CA ASP A 52 -19.38 -3.97 23.24
C ASP A 52 -19.05 -2.53 23.58
N PRO A 53 -19.34 -1.56 22.70
CA PRO A 53 -19.02 -0.15 23.02
C PRO A 53 -19.83 0.45 24.17
N THR A 54 -20.86 -0.24 24.68
CA THR A 54 -21.61 0.22 25.85
C THR A 54 -21.17 -0.46 27.14
N SER A 55 -20.09 -1.24 27.11
CA SER A 55 -19.69 -2.03 28.29
C SER A 55 -18.49 -1.38 28.98
N PRO A 56 -18.59 -1.05 30.27
CA PRO A 56 -17.41 -0.49 30.96
C PRO A 56 -16.21 -1.43 30.94
N ASP A 57 -16.42 -2.74 31.07
CA ASP A 57 -15.30 -3.69 31.07
C ASP A 57 -14.52 -3.61 29.77
N ASP A 58 -15.21 -3.51 28.63
CA ASP A 58 -14.49 -3.35 27.37
C ASP A 58 -13.85 -1.97 27.25
N LYS A 59 -14.38 -0.97 27.95
CA LYS A 59 -13.79 0.36 27.91
C LYS A 59 -12.41 0.36 28.54
N LYS A 60 -12.28 -0.19 29.75
CA LYS A 60 -10.95 -0.16 30.37
C LYS A 60 -10.01 -1.17 29.74
N LYS A 61 -10.51 -2.29 29.22
CA LYS A 61 -9.71 -3.11 28.32
C LYS A 61 -9.12 -2.25 27.22
N GLY A 62 -9.94 -1.40 26.62
CA GLY A 62 -9.46 -0.53 25.56
C GLY A 62 -8.42 0.48 26.03
N GLU A 63 -8.54 0.95 27.27
CA GLU A 63 -7.53 1.89 27.77
C GLU A 63 -6.24 1.21 28.20
N GLN A 64 -6.28 -0.10 28.54
CA GLN A 64 -5.03 -0.83 28.70
C GLN A 64 -4.30 -0.93 27.37
N VAL A 65 -5.01 -1.31 26.31
CA VAL A 65 -4.40 -1.35 24.97
C VAL A 65 -3.82 0.01 24.62
N LYS A 66 -4.57 1.08 24.87
CA LYS A 66 -4.07 2.42 24.56
C LYS A 66 -2.76 2.70 25.30
N ALA A 67 -2.69 2.31 26.58
CA ALA A 67 -1.46 2.51 27.35
C ALA A 67 -0.31 1.72 26.75
N ARG A 68 -0.56 0.47 26.38
CA ARG A 68 0.47 -0.35 25.75
C ARG A 68 0.93 0.24 24.42
N MET A 69 0.02 0.90 23.68
CA MET A 69 0.42 1.48 22.40
C MET A 69 1.24 2.74 22.61
N ASP A 70 0.87 3.56 23.61
CA ASP A 70 1.63 4.78 23.91
C ASP A 70 3.07 4.43 24.27
N PHE A 71 3.24 3.36 25.06
CA PHE A 71 4.58 2.89 25.40
C PHE A 71 5.36 2.51 24.15
N ASP A 72 4.72 1.76 23.25
CA ASP A 72 5.41 1.29 22.04
C ASP A 72 5.83 2.43 21.14
N MET A 73 4.93 3.39 20.91
CA MET A 73 5.28 4.57 20.13
C MET A 73 6.49 5.27 20.72
N ASN A 74 6.51 5.38 22.04
CA ASN A 74 7.65 5.97 22.74
C ASN A 74 8.93 5.21 22.42
N GLN A 75 8.87 3.86 22.43
CA GLN A 75 10.05 3.04 22.18
C GLN A 75 10.58 3.21 20.76
N VAL A 76 9.70 3.27 19.75
CA VAL A 76 10.18 3.40 18.36
C VAL A 76 10.38 4.87 18.04
N ARG A 77 10.24 5.74 19.06
CA ARG A 77 10.45 7.18 18.92
C ARG A 77 9.55 7.76 17.81
N LEU A 78 8.27 7.40 17.85
CA LEU A 78 7.24 7.95 16.96
C LEU A 78 6.40 8.96 17.76
N ARG A 79 6.46 10.22 17.36
CA ARG A 79 5.83 11.30 18.13
C ARG A 79 4.34 11.40 17.81
N GLY A 80 3.50 11.23 18.81
CA GLY A 80 2.07 11.35 18.61
C GLY A 80 1.34 10.72 19.77
N PHE A 81 0.13 10.23 19.48
CA PHE A 81 -0.63 9.56 20.52
C PHE A 81 -1.50 8.46 19.91
N ALA A 82 -2.01 7.61 20.80
CA ALA A 82 -2.80 6.44 20.45
C ALA A 82 -4.23 6.59 20.94
N LYS A 83 -5.11 5.79 20.33
CA LYS A 83 -6.53 5.82 20.66
C LYS A 83 -7.10 4.44 20.35
N THR A 84 -7.92 3.92 21.27
CA THR A 84 -8.60 2.66 21.05
C THR A 84 -10.08 2.94 20.79
N LEU A 85 -10.65 2.23 19.82
CA LEU A 85 -12.06 2.36 19.50
C LEU A 85 -12.72 1.00 19.60
N VAL A 86 -13.72 0.89 20.46
CA VAL A 86 -14.47 -0.34 20.60
C VAL A 86 -15.66 -0.31 19.65
N HIS A 87 -15.82 -1.37 18.87
CA HIS A 87 -16.97 -1.53 17.99
C HIS A 87 -17.48 -2.96 18.11
N SER A 88 -18.77 -3.13 17.80
CA SER A 88 -19.31 -4.46 17.61
C SER A 88 -18.94 -4.99 16.22
N GLU A 89 -19.05 -6.31 16.04
CA GLU A 89 -18.48 -6.97 14.86
C GLU A 89 -19.20 -6.54 13.57
N ASP A 90 -20.53 -6.50 13.58
CA ASP A 90 -21.30 -6.15 12.40
C ASP A 90 -21.32 -4.65 12.12
N GLN A 91 -20.58 -3.85 12.88
CA GLN A 91 -20.56 -2.40 12.71
C GLN A 91 -19.15 -1.90 12.43
N VAL A 92 -18.22 -2.80 12.08
CA VAL A 92 -16.86 -2.34 11.87
C VAL A 92 -16.79 -1.39 10.68
N ARG A 93 -17.66 -1.59 9.69
CA ARG A 93 -17.62 -0.80 8.48
C ARG A 93 -17.90 0.67 8.77
N GLY A 94 -19.02 0.94 9.42
CA GLY A 94 -19.39 2.33 9.71
C GLY A 94 -18.50 2.96 10.75
N SER A 95 -17.99 2.15 11.68
CA SER A 95 -17.09 2.68 12.69
C SER A 95 -15.78 3.14 12.08
N MET A 96 -15.25 2.40 11.10
CA MET A 96 -14.01 2.83 10.47
C MET A 96 -14.23 4.06 9.61
N SER A 97 -15.25 4.03 8.74
CA SER A 97 -15.45 5.17 7.85
C SER A 97 -15.79 6.42 8.64
N THR A 98 -16.48 6.28 9.78
CA THR A 98 -16.77 7.45 10.61
C THR A 98 -15.51 8.00 11.27
N LEU A 99 -14.62 7.12 11.72
CA LEU A 99 -13.38 7.62 12.31
C LEU A 99 -12.64 8.51 11.33
N VAL A 100 -12.53 8.08 10.07
CA VAL A 100 -11.81 8.86 9.07
C VAL A 100 -12.47 10.23 8.84
N GLN A 101 -13.81 10.27 8.78
CA GLN A 101 -14.51 11.54 8.60
C GLN A 101 -14.40 12.45 9.80
N SER A 102 -14.14 11.92 10.99
CA SER A 102 -14.26 12.71 12.20
C SER A 102 -12.92 12.95 12.88
N VAL A 103 -11.85 12.35 12.37
CA VAL A 103 -10.55 12.54 12.99
C VAL A 103 -10.11 13.98 12.75
N GLY A 104 -9.69 14.65 13.81
CA GLY A 104 -9.37 16.05 13.70
C GLY A 104 -10.54 16.99 13.65
N LEU A 105 -11.69 16.59 14.19
CA LEU A 105 -12.66 17.58 14.63
C LEU A 105 -12.04 18.54 15.62
N GLY A 106 -11.04 18.11 16.38
CA GLY A 106 -10.48 18.97 17.39
C GLY A 106 -9.31 19.84 16.96
N GLY A 107 -8.83 19.71 15.74
CA GLY A 107 -7.74 20.58 15.31
C GLY A 107 -6.76 19.99 14.32
N LEU A 108 -6.02 18.96 14.76
CA LEU A 108 -5.10 18.26 13.88
C LEU A 108 -5.86 17.74 12.68
N LYS A 109 -5.19 17.64 11.55
CA LYS A 109 -5.80 16.94 10.42
C LYS A 109 -4.76 16.03 9.77
N PRO A 110 -4.87 14.72 9.96
CA PRO A 110 -4.01 13.81 9.19
C PRO A 110 -4.30 13.97 7.70
N ASN A 111 -3.24 13.88 6.89
CA ASN A 111 -3.40 13.90 5.43
C ASN A 111 -3.00 12.58 4.79
N THR A 112 -2.67 11.55 5.58
CA THR A 112 -2.16 10.28 5.07
C THR A 112 -2.56 9.15 6.00
N MET A 113 -3.19 8.13 5.43
CA MET A 113 -3.58 6.93 6.15
C MET A 113 -2.52 5.85 5.90
N LEU A 114 -2.11 5.15 6.96
CA LEU A 114 -1.14 4.07 6.85
C LEU A 114 -1.80 2.81 7.36
N ILE A 115 -1.88 1.79 6.50
CA ILE A 115 -2.45 0.49 6.88
C ILE A 115 -1.55 -0.61 6.33
N SER A 116 -1.87 -1.82 6.75
CA SER A 116 -1.20 -3.04 6.39
C SER A 116 -2.04 -3.77 5.34
N TRP A 117 -1.36 -4.52 4.48
CA TRP A 117 -2.05 -5.37 3.54
C TRP A 117 -2.92 -6.36 4.30
N PRO A 118 -4.15 -6.59 3.87
CA PRO A 118 -5.05 -7.44 4.66
C PRO A 118 -4.69 -8.91 4.57
N VAL A 119 -4.86 -9.59 5.67
CA VAL A 119 -4.69 -11.04 5.71
C VAL A 119 -6.04 -11.68 5.46
N HIS A 120 -6.03 -12.89 4.89
CA HIS A 120 -7.28 -13.56 4.56
C HIS A 120 -7.08 -15.06 4.48
N GLU A 121 -6.51 -15.65 5.52
CA GLU A 121 -6.23 -17.08 5.56
C GLU A 121 -7.19 -17.87 6.43
N ARG A 122 -7.62 -17.32 7.57
CA ARG A 122 -8.59 -17.96 8.44
C ARG A 122 -9.77 -17.01 8.65
N GLU A 123 -10.79 -17.51 9.34
CA GLU A 123 -12.04 -16.76 9.50
C GLU A 123 -11.91 -15.55 10.42
N GLU A 124 -10.85 -15.46 11.22
CA GLU A 124 -10.67 -14.31 12.10
C GLU A 124 -10.36 -13.04 11.32
N ASP A 125 -9.75 -13.17 10.15
CA ASP A 125 -9.25 -12.02 9.41
C ASP A 125 -10.32 -11.36 8.54
N MET A 126 -11.49 -11.99 8.39
CA MET A 126 -12.43 -11.58 7.36
C MET A 126 -12.97 -10.18 7.58
N THR A 127 -12.99 -9.69 8.83
CA THR A 127 -13.46 -8.33 9.05
C THR A 127 -12.46 -7.32 8.48
N GLU A 128 -11.17 -7.60 8.60
CA GLU A 128 -10.16 -6.69 8.07
C GLU A 128 -10.03 -6.82 6.55
N TYR A 129 -10.11 -8.03 6.02
CA TYR A 129 -10.14 -8.19 4.57
C TYR A 129 -11.35 -7.47 3.96
N ASN A 130 -12.54 -7.68 4.54
CA ASN A 130 -13.76 -7.18 3.91
C ASN A 130 -13.92 -5.67 4.01
N THR A 131 -13.08 -4.98 4.80
CA THR A 131 -13.14 -3.52 4.87
C THR A 131 -12.00 -2.86 4.13
N PHE A 132 -11.22 -3.63 3.37
CA PHE A 132 -10.04 -3.07 2.72
C PHE A 132 -10.43 -2.00 1.70
N ILE A 133 -11.36 -2.32 0.79
CA ILE A 133 -11.77 -1.34 -0.22
C ILE A 133 -12.43 -0.14 0.44
N GLU A 134 -13.24 -0.38 1.48
CA GLU A 134 -13.88 0.75 2.17
C GLU A 134 -12.84 1.71 2.74
N LYS A 135 -11.75 1.17 3.30
CA LYS A 135 -10.69 2.05 3.82
C LYS A 135 -10.03 2.84 2.69
N VAL A 136 -9.81 2.19 1.54
CA VAL A 136 -9.17 2.91 0.44
C VAL A 136 -10.07 4.04 -0.07
N HIS A 137 -11.37 3.77 -0.20
CA HIS A 137 -12.28 4.84 -0.60
C HIS A 137 -12.38 5.91 0.47
N ALA A 138 -12.35 5.52 1.75
CA ALA A 138 -12.52 6.49 2.83
C ALA A 138 -11.38 7.50 2.84
N ALA A 139 -10.16 7.05 2.55
CA ALA A 139 -9.02 7.95 2.48
C ALA A 139 -9.23 9.01 1.40
N SER A 140 -9.47 8.58 0.16
CA SER A 140 -9.52 9.55 -0.93
C SER A 140 -10.72 10.49 -0.78
N ILE A 141 -11.84 9.96 -0.30
CA ILE A 141 -13.02 10.80 -0.14
C ILE A 141 -12.80 11.87 0.94
N ASN A 142 -11.96 11.62 1.93
CA ASN A 142 -11.70 12.60 2.97
C ASN A 142 -10.39 13.36 2.75
N ASP A 143 -9.92 13.41 1.50
CA ASP A 143 -8.72 14.18 1.11
C ASP A 143 -7.46 13.71 1.85
N MET A 144 -7.26 12.40 1.87
CA MET A 144 -6.06 11.82 2.45
C MET A 144 -5.41 10.89 1.45
N ALA A 145 -4.07 10.94 1.41
CA ALA A 145 -3.34 9.89 0.74
C ALA A 145 -3.47 8.60 1.55
N ILE A 146 -3.22 7.47 0.90
CA ILE A 146 -3.19 6.20 1.62
C ILE A 146 -1.89 5.48 1.26
N VAL A 147 -1.34 4.75 2.23
CA VAL A 147 -0.13 3.97 2.11
C VAL A 147 -0.43 2.56 2.60
N VAL A 148 -0.12 1.56 1.79
CA VAL A 148 -0.42 0.18 2.13
C VAL A 148 0.87 -0.62 2.10
N ALA A 149 1.24 -1.19 3.26
CA ALA A 149 2.47 -1.95 3.45
C ALA A 149 2.21 -3.43 3.25
N LYS A 150 2.97 -4.05 2.35
CA LYS A 150 2.74 -5.44 2.02
C LYS A 150 4.06 -6.20 2.16
N GLY A 151 4.01 -7.30 2.90
CA GLY A 151 5.19 -8.12 3.09
C GLY A 151 5.04 -9.16 4.17
N ILE A 152 5.36 -10.42 3.84
CA ILE A 152 5.60 -11.44 4.85
C ILE A 152 7.06 -11.42 5.29
N ILE A 153 7.99 -11.14 4.37
CA ILE A 153 9.35 -10.77 4.74
C ILE A 153 9.29 -9.47 5.53
N ASP A 154 9.76 -9.51 6.78
CA ASP A 154 9.41 -8.42 7.67
C ASP A 154 10.44 -7.29 7.66
N PHE A 155 10.05 -6.17 8.25
CA PHE A 155 10.51 -4.81 8.16
C PHE A 155 11.56 -4.47 9.21
N PRO A 156 12.59 -3.68 8.88
CA PRO A 156 13.66 -3.44 9.84
C PRO A 156 13.32 -2.38 10.86
N SER A 157 13.86 -2.56 12.07
CA SER A 157 13.79 -1.59 13.14
C SER A 157 15.03 -0.72 13.14
N ALA A 158 15.04 0.30 14.01
CA ALA A 158 16.11 1.30 14.03
C ALA A 158 17.47 0.70 14.37
N VAL A 159 17.50 -0.56 14.82
CA VAL A 159 18.73 -1.26 15.14
C VAL A 159 19.51 -1.74 13.91
N PHE A 160 18.89 -1.74 12.72
CA PHE A 160 19.50 -2.28 11.51
C PHE A 160 19.91 -1.17 10.54
N ARG A 161 20.90 -1.47 9.71
CA ARG A 161 21.30 -0.60 8.61
C ARG A 161 21.17 -1.36 7.31
N MET A 162 20.22 -0.92 6.45
CA MET A 162 20.04 -1.49 5.13
C MET A 162 20.96 -0.80 4.13
N SER A 163 21.34 -1.55 3.06
CA SER A 163 22.14 -0.91 2.00
C SER A 163 21.93 -1.53 0.61
N GLY A 164 20.78 -2.16 0.37
CA GLY A 164 20.46 -2.67 -0.97
C GLY A 164 19.70 -1.66 -1.83
N MET A 165 18.72 -2.12 -2.60
CA MET A 165 18.01 -1.28 -3.56
C MET A 165 16.62 -0.88 -3.07
N ILE A 166 16.29 0.40 -3.22
CA ILE A 166 14.92 0.89 -3.10
C ILE A 166 14.48 1.27 -4.51
N ASP A 167 13.46 0.57 -5.01
CA ASP A 167 13.01 0.75 -6.39
C ASP A 167 11.67 1.46 -6.34
N VAL A 168 11.64 2.71 -6.86
CA VAL A 168 10.40 3.45 -7.09
C VAL A 168 9.96 3.20 -8.53
N TYR A 169 8.86 2.48 -8.71
CA TYR A 169 8.27 2.34 -10.04
C TYR A 169 7.31 3.49 -10.22
N TRP A 170 7.61 4.37 -11.16
CA TRP A 170 6.80 5.55 -11.42
C TRP A 170 6.03 5.27 -12.70
N ILE A 171 4.84 4.69 -12.56
CA ILE A 171 4.10 4.22 -13.73
C ILE A 171 2.70 4.84 -13.84
N VAL A 172 2.44 5.91 -13.09
CA VAL A 172 1.15 6.59 -13.05
C VAL A 172 1.41 8.07 -12.78
N HIS A 173 0.57 8.96 -13.32
CA HIS A 173 0.72 10.35 -12.92
C HIS A 173 0.23 10.50 -11.49
N ASP A 174 1.16 10.74 -10.56
CA ASP A 174 0.84 10.91 -9.14
C ASP A 174 1.48 12.15 -8.55
N GLY A 175 1.99 13.05 -9.38
CA GLY A 175 2.71 14.21 -8.88
C GLY A 175 4.03 13.90 -8.19
N GLY A 176 4.55 12.67 -8.30
CA GLY A 176 5.79 12.32 -7.63
C GLY A 176 5.61 11.81 -6.22
N LEU A 177 4.40 11.34 -5.89
CA LEU A 177 4.09 10.89 -4.54
C LEU A 177 4.89 9.64 -4.15
N CYS A 178 4.96 8.65 -5.06
CA CYS A 178 5.77 7.47 -4.78
C CYS A 178 7.21 7.87 -4.50
N LEU A 179 7.75 8.75 -5.35
CA LEU A 179 9.15 9.19 -5.22
C LEU A 179 9.38 9.89 -3.89
N LEU A 180 8.46 10.75 -3.47
CA LEU A 180 8.58 11.42 -2.18
C LEU A 180 8.67 10.41 -1.04
N MET A 181 7.84 9.36 -1.06
CA MET A 181 7.90 8.37 0.00
C MET A 181 9.25 7.68 0.04
N GLY A 182 9.79 7.31 -1.12
CA GLY A 182 11.10 6.66 -1.14
C GLY A 182 12.21 7.59 -0.69
N TYR A 183 12.16 8.84 -1.16
CA TYR A 183 13.13 9.82 -0.72
C TYR A 183 13.05 10.05 0.79
N LEU A 184 11.84 10.00 1.37
CA LEU A 184 11.74 10.25 2.80
C LEU A 184 12.39 9.12 3.61
N LEU A 185 12.13 7.86 3.21
CA LEU A 185 12.81 6.73 3.86
C LEU A 185 14.32 6.86 3.77
N LYS A 186 14.83 7.22 2.57
CA LYS A 186 16.26 7.41 2.33
C LYS A 186 16.89 8.41 3.29
N GLN A 187 16.09 9.27 3.92
CA GLN A 187 16.67 10.22 4.86
C GLN A 187 16.86 9.61 6.25
N HIS A 188 16.17 8.51 6.53
CA HIS A 188 16.33 7.86 7.83
C HIS A 188 17.56 6.95 7.81
N LYS A 189 18.21 6.84 8.98
CA LYS A 189 19.48 6.10 9.05
C LYS A 189 19.32 4.63 8.65
N VAL A 190 18.16 4.03 8.93
CA VAL A 190 17.91 2.65 8.51
C VAL A 190 18.11 2.47 7.01
N TRP A 191 17.65 3.43 6.19
CA TRP A 191 17.68 3.26 4.74
C TRP A 191 18.70 4.13 4.02
N ARG A 192 19.37 5.05 4.72
CA ARG A 192 20.28 6.01 4.10
C ARG A 192 21.35 5.31 3.23
N GLY A 193 21.88 4.18 3.69
CA GLY A 193 22.89 3.44 2.90
C GLY A 193 22.40 2.87 1.58
N CYS A 194 21.10 2.85 1.33
CA CYS A 194 20.59 2.18 0.13
C CYS A 194 20.81 3.01 -1.13
N LYS A 195 20.67 2.34 -2.27
CA LYS A 195 20.65 3.01 -3.56
C LYS A 195 19.20 3.15 -4.02
N LEU A 196 18.77 4.39 -4.19
CA LEU A 196 17.46 4.70 -4.74
C LEU A 196 17.49 4.55 -6.26
N ARG A 197 16.51 3.84 -6.80
CA ARG A 197 16.37 3.63 -8.22
C ARG A 197 14.96 4.06 -8.62
N VAL A 198 14.83 4.83 -9.69
CA VAL A 198 13.52 5.21 -10.23
C VAL A 198 13.34 4.52 -11.57
N ILE A 199 12.34 3.67 -11.66
CA ILE A 199 12.11 2.81 -12.82
C ILE A 199 10.83 3.25 -13.49
N GLY A 200 10.94 3.72 -14.74
CA GLY A 200 9.80 3.97 -15.60
C GLY A 200 9.53 2.78 -16.49
N ILE A 201 8.24 2.55 -16.80
CA ILE A 201 7.86 1.45 -17.68
C ILE A 201 7.34 2.03 -18.99
N ALA A 202 7.99 1.67 -20.08
CA ALA A 202 7.70 2.23 -21.39
C ALA A 202 6.70 1.34 -22.12
N GLN A 203 5.59 1.94 -22.56
CA GLN A 203 4.66 1.31 -23.48
C GLN A 203 5.21 1.35 -24.90
N GLU A 204 4.57 0.59 -25.81
CA GLU A 204 5.16 0.42 -27.14
C GLU A 204 5.34 1.76 -27.86
N SER A 205 4.45 2.73 -27.62
CA SER A 205 4.53 4.01 -28.32
C SER A 205 5.35 5.08 -27.58
N ASP A 206 5.79 4.81 -26.34
CA ASP A 206 6.65 5.76 -25.63
C ASP A 206 8.05 5.78 -26.23
N ASN A 207 8.78 6.85 -25.94
CA ASN A 207 10.16 7.03 -26.40
C ASN A 207 11.09 6.81 -25.21
N ASN A 208 11.70 5.62 -25.15
CA ASN A 208 12.48 5.23 -23.98
C ASN A 208 13.61 6.21 -23.71
N VAL A 209 14.31 6.63 -24.76
CA VAL A 209 15.44 7.53 -24.54
C VAL A 209 14.96 8.84 -23.92
N LYS A 210 13.84 9.38 -24.40
CA LYS A 210 13.34 10.64 -23.84
C LYS A 210 12.84 10.43 -22.41
N MET A 211 12.21 9.30 -22.11
CA MET A 211 11.82 9.06 -20.73
C MET A 211 13.04 9.09 -19.81
N GLN A 212 14.13 8.43 -20.22
CA GLN A 212 15.32 8.38 -19.38
C GLN A 212 15.90 9.78 -19.17
N GLU A 213 16.10 10.52 -20.26
CA GLU A 213 16.68 11.86 -20.17
C GLU A 213 15.82 12.78 -19.29
N ASP A 214 14.49 12.73 -19.44
CA ASP A 214 13.65 13.64 -18.68
C ASP A 214 13.61 13.28 -17.20
N LEU A 215 13.60 11.98 -16.87
CA LEU A 215 13.70 11.58 -15.46
C LEU A 215 15.04 11.99 -14.85
N GLN A 216 16.14 11.84 -15.61
CA GLN A 216 17.45 12.21 -15.10
C GLN A 216 17.53 13.71 -14.82
N LYS A 217 16.96 14.52 -15.71
CA LYS A 217 16.95 15.96 -15.47
C LYS A 217 16.05 16.33 -14.30
N TYR A 218 14.96 15.59 -14.13
CA TYR A 218 14.07 15.83 -12.99
C TYR A 218 14.80 15.64 -11.65
N VAL A 219 15.40 14.46 -11.44
CA VAL A 219 16.07 14.21 -10.15
C VAL A 219 17.30 15.09 -10.01
N TYR A 220 17.95 15.46 -11.10
CA TYR A 220 19.08 16.39 -11.00
C TYR A 220 18.61 17.74 -10.47
N GLN A 221 17.47 18.23 -10.95
CA GLN A 221 16.99 19.56 -10.57
C GLN A 221 16.43 19.55 -9.15
N LEU A 222 15.93 18.42 -8.68
CA LEU A 222 15.53 18.27 -7.28
C LEU A 222 16.68 17.85 -6.38
N ARG A 223 17.90 17.71 -6.90
CA ARG A 223 19.09 17.34 -6.13
C ARG A 223 18.86 16.03 -5.38
N ILE A 224 18.35 15.03 -6.09
CA ILE A 224 18.09 13.72 -5.52
C ILE A 224 19.08 12.74 -6.13
N ASP A 225 19.71 11.95 -5.28
CA ASP A 225 20.71 10.98 -5.71
C ASP A 225 19.99 9.67 -6.03
N ALA A 226 19.55 9.54 -7.27
CA ALA A 226 18.84 8.36 -7.72
C ALA A 226 19.35 7.96 -9.09
N LYS A 227 19.36 6.66 -9.31
CA LYS A 227 19.63 6.07 -10.61
C LYS A 227 18.32 5.93 -11.39
N ILE A 228 18.40 6.08 -12.71
CA ILE A 228 17.24 6.10 -13.58
C ILE A 228 17.34 4.94 -14.56
N MET A 229 16.27 4.16 -14.65
CA MET A 229 16.20 3.00 -15.51
C MET A 229 14.82 2.95 -16.17
N ILE A 230 14.78 2.66 -17.45
CA ILE A 230 13.54 2.54 -18.22
C ILE A 230 13.43 1.12 -18.74
N VAL A 231 12.33 0.43 -18.42
CA VAL A 231 12.12 -0.94 -18.89
C VAL A 231 10.90 -1.01 -19.81
N GLU A 232 10.91 -2.03 -20.68
CA GLU A 232 9.92 -2.18 -21.74
C GLU A 232 8.84 -3.17 -21.31
N LEU A 233 7.60 -2.68 -21.23
CA LEU A 233 6.49 -3.57 -20.89
C LEU A 233 6.26 -4.64 -21.96
N ALA A 234 6.47 -4.31 -23.24
CA ALA A 234 6.24 -5.24 -24.34
C ALA A 234 7.47 -6.10 -24.65
N ASP A 235 8.30 -6.36 -23.67
CA ASP A 235 9.51 -7.15 -23.91
C ASP A 235 9.14 -8.55 -24.42
N PRO A 236 9.71 -9.01 -25.53
CA PRO A 236 9.29 -10.33 -26.07
C PRO A 236 9.40 -11.46 -25.07
N GLU A 237 10.52 -11.55 -24.35
CA GLU A 237 10.70 -12.65 -23.39
C GLU A 237 9.70 -12.53 -22.24
N ILE A 238 9.60 -11.35 -21.64
CA ILE A 238 8.65 -11.13 -20.55
C ILE A 238 7.22 -11.44 -21.00
N SER A 239 6.89 -11.12 -22.24
CA SER A 239 5.50 -11.29 -22.68
C SER A 239 5.19 -12.76 -22.93
N LYS A 240 6.12 -13.48 -23.56
CA LYS A 240 5.96 -14.91 -23.75
C LYS A 240 5.84 -15.65 -22.41
N ASN A 241 6.73 -15.34 -21.47
CA ASN A 241 6.71 -16.00 -20.16
C ASN A 241 5.40 -15.77 -19.44
N ALA A 242 4.97 -14.50 -19.37
CA ALA A 242 3.74 -14.14 -18.68
C ALA A 242 2.52 -14.81 -19.29
N PHE A 243 2.45 -14.83 -20.62
CA PHE A 243 1.36 -15.51 -21.30
C PHE A 243 1.31 -16.98 -20.89
N GLU A 244 2.46 -17.67 -20.94
CA GLU A 244 2.44 -19.09 -20.61
C GLU A 244 2.09 -19.32 -19.14
N ARG A 245 2.63 -18.50 -18.25
CA ARG A 245 2.27 -18.54 -16.83
C ARG A 245 0.77 -18.34 -16.63
N THR A 246 0.19 -17.32 -17.27
CA THR A 246 -1.25 -17.04 -17.07
C THR A 246 -2.11 -18.22 -17.48
N LEU A 247 -1.87 -18.80 -18.68
CA LEU A 247 -2.66 -19.94 -19.12
C LEU A 247 -2.69 -21.05 -18.08
N LEU A 248 -1.56 -21.29 -17.40
CA LEU A 248 -1.50 -22.32 -16.37
C LEU A 248 -2.30 -21.91 -15.14
N MET A 249 -2.26 -20.64 -14.75
CA MET A 249 -3.08 -20.17 -13.65
C MET A 249 -4.56 -20.29 -13.96
N GLU A 250 -4.95 -19.89 -15.18
CA GLU A 250 -6.36 -19.94 -15.57
C GLU A 250 -6.93 -21.35 -15.56
N GLU A 251 -6.08 -22.38 -15.66
CA GLU A 251 -6.57 -23.75 -15.62
C GLU A 251 -6.74 -24.28 -14.20
N ARG A 252 -5.99 -23.73 -13.23
CA ARG A 252 -6.19 -24.11 -11.83
C ARG A 252 -7.54 -23.62 -11.33
N THR A 253 -7.76 -22.31 -11.35
CA THR A 253 -9.02 -21.73 -10.90
C THR A 253 -10.17 -22.09 -11.85
N MET A 254 -9.86 -22.83 -12.92
CA MET A 254 -10.89 -23.52 -13.71
C MET A 254 -11.43 -24.75 -13.00
N MET A 255 -10.88 -25.08 -11.83
CA MET A 255 -11.37 -26.20 -11.05
C MET A 255 -11.69 -25.76 -9.63
N THR A 323 -30.90 -7.95 -27.05
CA THR A 323 -30.14 -9.19 -26.94
C THR A 323 -28.68 -8.88 -27.14
N LYS A 324 -28.35 -8.28 -28.29
CA LYS A 324 -26.93 -8.11 -28.64
C LYS A 324 -26.24 -7.13 -27.71
N THR A 325 -26.95 -6.11 -27.25
CA THR A 325 -26.33 -5.11 -26.38
C THR A 325 -25.89 -5.72 -25.05
N LYS A 326 -26.76 -6.51 -24.40
CA LYS A 326 -26.35 -7.11 -23.13
C LYS A 326 -25.46 -8.33 -23.34
N LYS A 327 -25.64 -9.04 -24.47
CA LYS A 327 -24.69 -10.08 -24.84
C LYS A 327 -23.27 -9.53 -24.93
N GLU A 328 -23.09 -8.49 -25.76
CA GLU A 328 -21.76 -7.95 -25.96
C GLU A 328 -21.23 -7.27 -24.70
N ARG A 329 -22.12 -6.74 -23.86
CA ARG A 329 -21.70 -6.18 -22.58
C ARG A 329 -21.10 -7.26 -21.69
N MET A 330 -21.66 -8.46 -21.73
CA MET A 330 -21.11 -9.59 -20.99
C MET A 330 -19.75 -9.98 -21.52
N LYS A 331 -19.62 -10.15 -22.85
CA LYS A 331 -18.33 -10.47 -23.43
C LYS A 331 -17.29 -9.42 -23.09
N ALA A 332 -17.65 -8.13 -23.18
CA ALA A 332 -16.67 -7.07 -22.91
C ALA A 332 -16.15 -7.15 -21.48
N LEU A 333 -17.05 -7.36 -20.51
CA LEU A 333 -16.62 -7.46 -19.12
C LEU A 333 -15.66 -8.65 -18.90
N ASP A 334 -15.96 -9.80 -19.50
CA ASP A 334 -15.04 -10.94 -19.39
C ASP A 334 -13.72 -10.64 -20.08
N ARG A 335 -13.77 -10.08 -21.29
CA ARG A 335 -12.56 -9.64 -21.98
C ARG A 335 -11.67 -8.81 -21.07
N SER A 336 -12.23 -7.74 -20.47
CA SER A 336 -11.42 -6.90 -19.60
C SER A 336 -10.90 -7.67 -18.38
N LYS A 337 -11.66 -8.64 -17.85
CA LYS A 337 -11.14 -9.43 -16.74
C LYS A 337 -9.93 -10.25 -17.16
N VAL A 338 -10.05 -11.01 -18.25
CA VAL A 338 -8.92 -11.82 -18.75
C VAL A 338 -7.75 -10.92 -19.07
N SER A 339 -8.03 -9.76 -19.67
CA SER A 339 -6.96 -8.84 -20.04
C SER A 339 -6.27 -8.27 -18.81
N LYS A 340 -7.04 -7.95 -17.76
CA LYS A 340 -6.43 -7.44 -16.54
C LYS A 340 -5.55 -8.49 -15.88
N MET A 341 -5.96 -9.76 -15.94
CA MET A 341 -5.17 -10.81 -15.33
C MET A 341 -3.85 -11.00 -16.07
N HIS A 342 -3.88 -10.98 -17.40
CA HIS A 342 -2.64 -11.13 -18.17
C HIS A 342 -1.69 -9.99 -17.87
N THR A 343 -2.24 -8.79 -17.66
CA THR A 343 -1.44 -7.61 -17.37
C THR A 343 -0.77 -7.72 -16.00
N ALA A 344 -1.54 -8.07 -14.97
CA ALA A 344 -0.97 -8.32 -13.65
C ALA A 344 0.22 -9.29 -13.73
N VAL A 345 0.05 -10.40 -14.45
CA VAL A 345 1.13 -11.39 -14.54
C VAL A 345 2.33 -10.79 -15.26
N ARG A 346 2.09 -10.03 -16.34
CA ARG A 346 3.20 -9.42 -17.05
C ARG A 346 3.97 -8.45 -16.15
N LEU A 347 3.24 -7.65 -15.36
CA LEU A 347 3.89 -6.75 -14.42
C LEU A 347 4.72 -7.51 -13.40
N ASN A 348 4.18 -8.60 -12.87
CA ASN A 348 4.91 -9.41 -11.90
C ASN A 348 6.21 -9.96 -12.51
N GLU A 349 6.16 -10.45 -13.76
CA GLU A 349 7.38 -10.95 -14.40
C GLU A 349 8.42 -9.84 -14.51
N LEU A 350 7.97 -8.64 -14.84
CA LEU A 350 8.84 -7.48 -14.99
C LEU A 350 9.47 -7.10 -13.67
N LEU A 351 8.68 -7.09 -12.59
CA LEU A 351 9.20 -6.76 -11.27
C LEU A 351 10.18 -7.83 -10.79
N LEU A 352 9.90 -9.09 -11.11
CA LEU A 352 10.81 -10.16 -10.70
C LEU A 352 12.11 -10.08 -11.49
N GLN A 353 12.01 -9.83 -12.79
CA GLN A 353 13.20 -9.69 -13.59
C GLN A 353 14.13 -8.59 -13.08
N HIS A 354 13.57 -7.44 -12.67
CA HIS A 354 14.41 -6.29 -12.35
C HIS A 354 14.60 -6.03 -10.86
N SER A 355 13.68 -6.49 -10.01
CA SER A 355 13.67 -6.11 -8.60
C SER A 355 13.45 -7.31 -7.67
N ALA A 356 13.66 -8.54 -8.17
CA ALA A 356 13.50 -9.71 -7.29
C ALA A 356 14.29 -9.57 -5.99
N ASN A 357 15.51 -9.05 -6.07
CA ASN A 357 16.38 -8.93 -4.91
C ASN A 357 16.33 -7.54 -4.24
N SER A 358 15.46 -6.64 -4.70
CA SER A 358 15.36 -5.33 -4.10
C SER A 358 14.80 -5.40 -2.68
N GLN A 359 15.32 -4.53 -1.80
CA GLN A 359 14.85 -4.51 -0.41
C GLN A 359 13.53 -3.79 -0.23
N LEU A 360 13.15 -2.93 -1.17
CA LEU A 360 11.91 -2.18 -1.04
C LEU A 360 11.42 -1.79 -2.43
N ILE A 361 10.12 -1.96 -2.67
CA ILE A 361 9.49 -1.59 -3.93
C ILE A 361 8.30 -0.70 -3.64
N LEU A 362 8.26 0.48 -4.27
CA LEU A 362 7.16 1.42 -4.09
C LEU A 362 6.39 1.56 -5.40
N LEU A 363 5.07 1.39 -5.31
CA LEU A 363 4.17 1.35 -6.46
C LEU A 363 2.93 2.18 -6.16
N ASN A 364 2.32 2.74 -7.22
CA ASN A 364 0.99 3.32 -7.08
C ASN A 364 -0.04 2.24 -6.73
N LEU A 365 -1.00 2.61 -5.89
CA LEU A 365 -2.16 1.75 -5.63
C LEU A 365 -3.28 2.07 -6.61
N PRO A 366 -3.72 1.11 -7.44
CA PRO A 366 -4.72 1.42 -8.49
C PRO A 366 -6.09 1.71 -7.89
N LYS A 367 -6.88 2.49 -8.63
CA LYS A 367 -8.23 2.81 -8.22
C LYS A 367 -8.99 1.54 -7.88
N PRO A 368 -9.60 1.44 -6.70
CA PRO A 368 -10.43 0.29 -6.35
C PRO A 368 -11.76 0.30 -7.09
N PRO A 369 -12.48 -0.81 -7.11
CA PRO A 369 -13.75 -0.85 -7.85
C PRO A 369 -14.81 0.01 -7.19
N VAL A 370 -15.66 0.61 -8.03
CA VAL A 370 -16.73 1.44 -7.48
C VAL A 370 -17.83 0.58 -6.86
N HIS A 371 -17.89 -0.69 -7.19
CA HIS A 371 -19.00 -1.52 -6.73
C HIS A 371 -18.64 -2.24 -5.44
N LYS A 372 -19.67 -2.57 -4.66
CA LYS A 372 -19.55 -3.16 -3.33
C LYS A 372 -19.72 -4.68 -3.33
N ASP A 373 -19.83 -5.30 -4.51
CA ASP A 373 -19.92 -6.76 -4.60
C ASP A 373 -18.73 -7.42 -3.92
N GLN A 374 -18.96 -8.64 -3.41
CA GLN A 374 -17.86 -9.42 -2.84
C GLN A 374 -16.89 -9.90 -3.92
N GLN A 375 -17.39 -10.22 -5.12
CA GLN A 375 -16.49 -10.59 -6.20
C GLN A 375 -15.58 -9.43 -6.60
N ALA A 376 -16.10 -8.19 -6.53
CA ALA A 376 -15.31 -7.04 -6.92
C ALA A 376 -14.11 -6.84 -6.00
N LEU A 377 -14.31 -7.04 -4.70
CA LEU A 377 -13.19 -6.95 -3.76
C LEU A 377 -12.24 -8.11 -3.95
N ASP A 378 -12.78 -9.33 -4.08
CA ASP A 378 -11.92 -10.50 -4.30
C ASP A 378 -11.06 -10.31 -5.54
N ASP A 379 -11.63 -9.75 -6.61
CA ASP A 379 -10.88 -9.57 -7.86
C ASP A 379 -9.82 -8.50 -7.70
N TYR A 380 -10.16 -7.40 -7.03
CA TYR A 380 -9.19 -6.33 -6.84
C TYR A 380 -7.98 -6.84 -6.05
N VAL A 381 -8.22 -7.49 -4.91
CA VAL A 381 -7.13 -8.01 -4.09
C VAL A 381 -6.33 -9.05 -4.86
N HIS A 382 -7.00 -9.95 -5.57
CA HIS A 382 -6.26 -10.99 -6.29
C HIS A 382 -5.38 -10.38 -7.38
N TYR A 383 -5.90 -9.40 -8.10
CA TYR A 383 -5.11 -8.69 -9.10
C TYR A 383 -3.80 -8.18 -8.50
N LEU A 384 -3.88 -7.55 -7.31
CA LEU A 384 -2.68 -6.96 -6.72
C LEU A 384 -1.77 -8.02 -6.09
N GLU A 385 -2.34 -9.08 -5.52
CA GLU A 385 -1.53 -10.19 -5.00
C GLU A 385 -0.80 -10.91 -6.13
N VAL A 386 -1.46 -11.13 -7.25
CA VAL A 386 -0.78 -11.73 -8.39
C VAL A 386 0.34 -10.82 -8.86
N MET A 387 0.04 -9.52 -8.98
CA MET A 387 1.03 -8.58 -9.50
C MET A 387 2.29 -8.50 -8.63
N THR A 388 2.14 -8.53 -7.31
CA THR A 388 3.30 -8.36 -6.45
C THR A 388 3.72 -9.67 -5.80
N ASP A 389 3.45 -10.78 -6.47
CA ASP A 389 3.73 -12.08 -5.90
C ASP A 389 5.24 -12.32 -5.88
N LYS A 390 5.71 -12.97 -4.82
CA LYS A 390 7.10 -13.40 -4.67
C LYS A 390 8.08 -12.23 -4.58
N LEU A 391 7.64 -11.05 -4.15
CA LEU A 391 8.54 -9.95 -3.87
C LEU A 391 8.80 -9.85 -2.36
N ASN A 392 9.79 -9.02 -1.99
CA ASN A 392 10.17 -8.91 -0.58
C ASN A 392 9.24 -7.96 0.20
N ARG A 393 9.32 -6.67 -0.10
CA ARG A 393 8.52 -5.66 0.58
C ARG A 393 7.99 -4.72 -0.47
N VAL A 394 6.70 -4.43 -0.41
CA VAL A 394 6.06 -3.54 -1.36
C VAL A 394 5.27 -2.53 -0.54
N ILE A 395 5.38 -1.28 -0.93
CA ILE A 395 4.58 -0.22 -0.35
C ILE A 395 3.78 0.40 -1.48
N PHE A 396 2.45 0.29 -1.40
CA PHE A 396 1.54 0.92 -2.38
C PHE A 396 1.18 2.30 -1.87
N VAL A 397 1.05 3.25 -2.80
CA VAL A 397 0.78 4.65 -2.45
C VAL A 397 -0.24 5.23 -3.43
N ARG A 398 -1.18 6.03 -2.90
CA ARG A 398 -2.24 6.63 -3.70
C ARG A 398 -2.63 7.97 -3.11
N GLY A 399 -2.69 9.02 -3.95
CA GLY A 399 -2.99 10.37 -3.52
C GLY A 399 -4.44 10.74 -3.73
N THR A 400 -4.73 12.06 -3.69
CA THR A 400 -6.08 12.57 -3.80
C THR A 400 -6.20 13.60 -4.91
N GLY A 401 -7.36 13.60 -5.57
CA GLY A 401 -7.66 14.52 -6.64
C GLY A 401 -8.96 14.17 -7.35
C1 PGE B . 7.66 16.67 -6.45
O1 PGE B . 8.22 17.85 -5.86
C2 PGE B . 7.83 15.47 -5.50
O2 PGE B . 9.21 15.16 -5.31
C3 PGE B . 9.45 14.57 -4.04
C4 PGE B . 10.94 14.26 -3.80
O4 PGE B . 13.44 17.44 -2.75
C6 PGE B . 12.28 17.18 -1.95
C5 PGE B . 11.80 15.74 -2.15
O3 PGE B . 11.67 15.46 -3.55
C1 PGE C . 7.81 8.39 -15.83
O1 PGE C . 8.18 9.50 -16.66
C2 PGE C . 6.89 8.88 -14.71
O2 PGE C . 5.72 9.53 -15.21
C3 PGE C . 5.08 8.75 -16.21
C4 PGE C . 3.59 8.48 -15.99
O4 PGE C . 6.05 5.22 -16.86
C6 PGE C . 4.92 5.75 -17.61
C5 PGE C . 3.82 6.19 -16.65
O3 PGE C . 3.16 7.46 -16.91
C1 PEG D . 1.62 -11.07 1.36
O1 PEG D . 0.66 -11.71 0.50
C2 PEG D . 3.02 -11.37 0.85
O2 PEG D . 3.65 -10.15 0.44
C3 PEG D . 4.88 -10.35 -0.27
C4 PEG D . 5.52 -9.02 -0.65
O4 PEG D . 4.79 -8.46 -1.75
C1 PEG E . -9.73 -6.48 -11.22
O1 PEG E . -11.02 -6.25 -11.79
C2 PEG E . -9.31 -5.26 -10.41
O2 PEG E . -8.69 -4.27 -11.23
C3 PEG E . -7.58 -3.67 -10.57
C4 PEG E . -7.62 -2.16 -10.74
O4 PEG E . -7.48 -1.84 -12.12
O1 PG4 F . 17.40 12.61 -27.64
C1 PG4 F . 17.46 11.70 -28.74
C2 PG4 F . 17.28 12.48 -30.04
O2 PG4 F . 16.01 13.13 -30.04
C3 PG4 F . 15.71 13.71 -31.30
C4 PG4 F . 15.02 15.05 -31.09
O3 PG4 F . 13.88 14.87 -30.25
C5 PG4 F . 12.91 15.90 -30.43
C6 PG4 F . 13.33 17.13 -29.63
O4 PG4 F . 13.86 16.73 -28.37
C7 PG4 F . 12.84 16.67 -27.37
C8 PG4 F . 13.49 16.71 -25.99
O5 PG4 F . 12.85 15.76 -25.13
#